data_9FWR
#
_entry.id   9FWR
#
_cell.length_a   62.347
_cell.length_b   70.649
_cell.length_c   109.361
_cell.angle_alpha   90
_cell.angle_beta   90
_cell.angle_gamma   90
#
_symmetry.space_group_name_H-M   'P 21 21 21'
#
loop_
_entity.id
_entity.type
_entity.pdbx_description
1 polymer 'Non-structural protein 10'
2 polymer 'Guanine-N7 methyltransferase nsp14'
3 non-polymer 'ZINC ION'
4 non-polymer (4R)-4-phenyl-1,3-oxazolidin-2-one
5 non-polymer 'MAGNESIUM ION'
6 water water
#
loop_
_entity_poly.entity_id
_entity_poly.type
_entity_poly.pdbx_seq_one_letter_code
_entity_poly.pdbx_strand_id
1 'polypeptide(L)'
;AGNATEVPANSTVLSFCAFAVDAAKAYKDYLASGGQPITNCVKMLCTHTGTGQAITVTPEANMDQESFGGASCCLYCRCH
IDHPNPKGFCDLKGKYVQIPTTCANDPVGFTLKNTVCTVCGMWKGYGCSCD
;
A
2 'polypeptide(L)'
;MAENVTGLFKDCSKVITGLHPTQAPTHLSVDTKFKTEGLCVDIPGIPKDMTYRRLISMMGFKMNYQVNGYPNMFITREEA
IRHVRAWIGFDVEGCHATREAVGTNLPLQLGFSTGVNLVAVPTGYVDTPNNTDFSRVSAKPPPGDQFKHLIPLMYKGLPW
NVVRIKIVQMLSDTLKNLSDRVVFVLWAHGFELTSMKYFVKIGPERTCCLCDRRATCFSTASDTYACWHHSIGFDYVYNP
FMIDVQQWGFTGNLQSNHDLYCQVHGNAHVASCDAIMTRCLAVHECFVKR
;
B
#
# COMPACT_ATOMS: atom_id res chain seq x y z
N ALA A 1 14.60 -13.83 -2.30
CA ALA A 1 15.47 -12.84 -1.69
C ALA A 1 14.66 -11.84 -0.82
N GLY A 2 15.33 -11.20 0.13
CA GLY A 2 14.68 -10.22 0.98
C GLY A 2 14.31 -10.77 2.33
N ASN A 3 13.98 -9.87 3.27
CA ASN A 3 13.62 -10.27 4.62
C ASN A 3 12.24 -9.78 5.01
N ALA A 4 11.35 -10.70 5.39
CA ALA A 4 9.98 -10.35 5.76
C ALA A 4 9.94 -9.39 6.94
N THR A 5 9.10 -8.37 6.84
CA THR A 5 8.96 -7.40 7.91
CA THR A 5 8.95 -7.41 7.95
C THR A 5 7.64 -7.63 8.67
N GLU A 6 6.62 -8.18 7.99
CA GLU A 6 5.31 -8.36 8.59
C GLU A 6 4.81 -9.79 8.80
N VAL A 7 3.75 -9.90 9.62
CA VAL A 7 3.04 -11.14 9.96
C VAL A 7 1.65 -11.12 9.29
N PRO A 8 1.05 -12.30 8.97
CA PRO A 8 -0.26 -12.31 8.28
C PRO A 8 -1.41 -11.63 9.02
N ALA A 9 -1.34 -11.56 10.34
CA ALA A 9 -2.36 -10.90 11.15
C ALA A 9 -2.52 -9.41 10.80
N ASN A 10 -1.48 -8.77 10.23
CA ASN A 10 -1.58 -7.35 9.89
C ASN A 10 -1.93 -7.05 8.44
N SER A 11 -1.92 -8.06 7.56
CA SER A 11 -2.18 -7.85 6.14
C SER A 11 -3.44 -7.01 5.81
N THR A 12 -4.59 -7.35 6.41
CA THR A 12 -5.84 -6.65 6.12
C THR A 12 -5.80 -5.17 6.50
N VAL A 13 -5.49 -4.84 7.76
CA VAL A 13 -5.46 -3.47 8.23
C VAL A 13 -4.39 -2.64 7.50
N LEU A 14 -3.18 -3.21 7.27
CA LEU A 14 -2.14 -2.50 6.56
C LEU A 14 -2.52 -2.24 5.13
N SER A 15 -3.16 -3.21 4.45
CA SER A 15 -3.60 -3.00 3.06
C SER A 15 -4.72 -1.97 2.98
N PHE A 16 -5.62 -1.99 3.94
CA PHE A 16 -6.73 -1.04 4.01
C PHE A 16 -6.20 0.41 4.16
N CYS A 17 -5.32 0.66 5.16
CA CYS A 17 -4.77 2.00 5.39
C CYS A 17 -3.74 2.41 4.35
N ALA A 18 -3.10 1.44 3.66
CA ALA A 18 -2.14 1.72 2.59
C ALA A 18 -2.84 2.31 1.35
N PHE A 19 -4.12 1.99 1.14
CA PHE A 19 -4.86 2.51 -0.02
C PHE A 19 -5.73 3.72 0.32
N ALA A 20 -6.00 3.99 1.61
CA ALA A 20 -6.90 5.07 2.00
C ALA A 20 -6.44 6.51 1.72
N VAL A 21 -7.39 7.41 1.37
CA VAL A 21 -7.09 8.83 1.17
CA VAL A 21 -7.12 8.84 1.16
C VAL A 21 -6.67 9.41 2.52
N ASP A 22 -7.41 9.06 3.59
CA ASP A 22 -7.20 9.44 4.97
C ASP A 22 -6.93 8.16 5.77
N ALA A 23 -5.66 7.78 5.91
CA ALA A 23 -5.28 6.57 6.62
C ALA A 23 -5.59 6.60 8.11
N ALA A 24 -5.46 7.78 8.76
CA ALA A 24 -5.78 7.89 10.18
C ALA A 24 -7.26 7.58 10.43
N LYS A 25 -8.15 8.16 9.60
CA LYS A 25 -9.59 7.93 9.71
C LYS A 25 -9.88 6.47 9.39
N ALA A 26 -9.24 5.93 8.33
CA ALA A 26 -9.40 4.51 7.97
C ALA A 26 -9.03 3.58 9.12
N TYR A 27 -7.92 3.83 9.82
CA TYR A 27 -7.54 2.99 10.96
C TYR A 27 -8.53 3.10 12.12
N LYS A 28 -8.99 4.30 12.45
CA LYS A 28 -9.97 4.50 13.52
C LYS A 28 -11.28 3.82 13.16
N ASP A 29 -11.72 3.94 11.90
CA ASP A 29 -12.95 3.29 11.45
C ASP A 29 -12.80 1.76 11.42
N TYR A 30 -11.58 1.26 11.12
CA TYR A 30 -11.26 -0.17 11.11
C TYR A 30 -11.41 -0.69 12.52
N LEU A 31 -10.90 0.05 13.53
CA LEU A 31 -11.01 -0.39 14.92
C LEU A 31 -12.49 -0.39 15.34
N ALA A 32 -13.24 0.67 14.97
CA ALA A 32 -14.68 0.80 15.30
C ALA A 32 -15.53 -0.30 14.68
N SER A 33 -15.09 -0.87 13.55
CA SER A 33 -15.81 -1.99 12.92
C SER A 33 -15.40 -3.36 13.49
N GLY A 34 -14.73 -3.39 14.63
CA GLY A 34 -14.32 -4.64 15.26
C GLY A 34 -13.01 -5.23 14.79
N GLY A 35 -12.21 -4.44 14.07
CA GLY A 35 -10.92 -4.91 13.58
C GLY A 35 -9.88 -4.99 14.68
N GLN A 36 -8.90 -5.89 14.52
CA GLN A 36 -7.84 -6.03 15.50
C GLN A 36 -6.77 -4.93 15.38
N PRO A 37 -6.19 -4.51 16.51
CA PRO A 37 -5.13 -3.49 16.43
C PRO A 37 -3.87 -4.04 15.75
N ILE A 38 -3.06 -3.14 15.16
CA ILE A 38 -1.80 -3.51 14.52
C ILE A 38 -0.88 -4.14 15.58
N THR A 39 -0.32 -5.30 15.29
CA THR A 39 0.56 -6.02 16.21
C THR A 39 2.01 -6.06 15.63
N ASN A 40 2.96 -6.79 16.26
CA ASN A 40 4.33 -6.90 15.75
C ASN A 40 5.10 -5.56 15.95
N CYS A 41 4.71 -4.78 16.99
CA CYS A 41 5.40 -3.55 17.35
C CYS A 41 6.72 -3.90 18.06
N VAL A 42 7.62 -2.94 18.20
CA VAL A 42 8.89 -3.15 18.87
C VAL A 42 8.74 -2.83 20.34
N LYS A 43 8.45 -3.83 21.16
CA LYS A 43 8.25 -3.64 22.58
C LYS A 43 9.60 -3.83 23.28
N MET A 44 9.96 -2.92 24.18
CA MET A 44 11.25 -2.96 24.84
C MET A 44 11.29 -3.61 26.21
N LEU A 45 12.39 -4.27 26.50
CA LEU A 45 12.68 -4.81 27.81
C LEU A 45 13.44 -3.67 28.49
N CYS A 46 12.83 -3.05 29.48
CA CYS A 46 13.44 -1.93 30.20
C CYS A 46 13.25 -2.08 31.72
N THR A 47 13.97 -1.29 32.52
CA THR A 47 13.89 -1.38 33.98
C THR A 47 12.55 -0.89 34.56
N HIS A 48 11.84 0.00 33.84
CA HIS A 48 10.61 0.65 34.29
C HIS A 48 10.86 1.64 35.44
N THR A 49 12.06 2.21 35.49
CA THR A 49 12.45 3.23 36.46
C THR A 49 12.85 4.51 35.69
N GLY A 50 12.17 4.79 34.58
CA GLY A 50 12.44 5.94 33.73
C GLY A 50 11.58 7.13 34.08
N THR A 51 11.89 8.26 33.46
CA THR A 51 11.23 9.54 33.69
C THR A 51 9.73 9.51 33.49
N GLY A 52 9.29 8.77 32.49
CA GLY A 52 7.88 8.71 32.16
C GLY A 52 7.47 9.66 31.05
N GLN A 53 8.42 10.39 30.46
CA GLN A 53 8.15 11.30 29.33
C GLN A 53 7.58 10.50 28.15
N ALA A 54 6.82 11.15 27.27
CA ALA A 54 6.18 10.46 26.15
C ALA A 54 7.14 9.99 25.01
N ILE A 55 7.96 10.89 24.46
CA ILE A 55 8.84 10.56 23.34
C ILE A 55 10.26 10.88 23.75
N THR A 56 11.12 9.85 23.87
CA THR A 56 12.47 10.01 24.36
C THR A 56 13.57 9.40 23.46
N VAL A 57 14.84 9.72 23.73
CA VAL A 57 15.96 9.16 22.95
C VAL A 57 16.30 7.73 23.43
N THR A 58 16.04 7.41 24.69
CA THR A 58 16.23 6.09 25.29
C THR A 58 14.89 5.67 25.91
N PRO A 59 14.64 4.36 26.16
CA PRO A 59 13.37 3.98 26.81
C PRO A 59 13.27 4.59 28.20
N GLU A 60 12.21 5.35 28.43
CA GLU A 60 11.98 6.02 29.71
C GLU A 60 10.70 5.57 30.40
N ALA A 61 10.25 4.35 30.14
CA ALA A 61 9.00 3.85 30.73
C ALA A 61 9.06 3.80 32.26
N ASN A 62 7.95 4.17 32.91
CA ASN A 62 7.85 4.06 34.37
C ASN A 62 7.06 2.78 34.72
N MET A 63 6.66 2.60 35.99
CA MET A 63 5.92 1.41 36.38
C MET A 63 4.52 1.33 35.75
N ASP A 64 3.99 2.43 35.22
CA ASP A 64 2.66 2.44 34.60
C ASP A 64 2.67 2.43 33.06
N GLN A 65 3.88 2.38 32.43
CA GLN A 65 4.01 2.41 30.98
C GLN A 65 4.81 1.25 30.42
N GLU A 66 4.73 1.09 29.08
CA GLU A 66 5.52 0.15 28.29
C GLU A 66 6.29 1.00 27.28
N SER A 67 7.55 0.67 27.03
CA SER A 67 8.36 1.40 26.05
C SER A 67 8.32 0.69 24.72
N PHE A 68 8.23 1.45 23.65
CA PHE A 68 8.22 0.89 22.29
C PHE A 68 9.13 1.68 21.37
N GLY A 69 9.59 1.06 20.29
CA GLY A 69 10.34 1.77 19.26
C GLY A 69 9.35 2.63 18.51
N GLY A 70 9.71 3.88 18.27
CA GLY A 70 8.83 4.88 17.67
C GLY A 70 8.27 4.59 16.30
N ALA A 71 9.09 4.12 15.35
CA ALA A 71 8.61 3.82 14.00
C ALA A 71 7.51 2.76 14.01
N SER A 72 7.62 1.79 14.93
CA SER A 72 6.66 0.69 15.07
C SER A 72 5.30 1.14 15.62
N CYS A 73 5.24 2.35 16.24
CA CYS A 73 4.03 2.96 16.78
C CYS A 73 3.43 3.99 15.83
N CYS A 74 4.00 4.19 14.65
CA CYS A 74 3.53 5.19 13.72
C CYS A 74 2.79 4.53 12.56
N LEU A 75 1.50 4.85 12.39
CA LEU A 75 0.71 4.29 11.29
C LEU A 75 1.34 4.56 9.91
N TYR A 76 1.90 5.74 9.73
CA TYR A 76 2.50 6.14 8.45
C TYR A 76 3.77 5.37 8.13
N CYS A 77 4.59 5.07 9.17
CA CYS A 77 5.80 4.24 9.03
C CYS A 77 5.35 2.76 8.77
N ARG A 78 4.36 2.28 9.51
CA ARG A 78 3.85 0.91 9.38
C ARG A 78 3.26 0.60 8.00
N CYS A 79 2.57 1.57 7.38
CA CYS A 79 1.96 1.45 6.05
C CYS A 79 2.85 1.91 4.91
N HIS A 80 3.96 2.58 5.22
CA HIS A 80 4.92 3.06 4.23
C HIS A 80 4.30 4.15 3.34
N ILE A 81 3.47 5.01 3.95
CA ILE A 81 2.76 6.11 3.28
C ILE A 81 3.25 7.50 3.77
N ASP A 82 2.79 8.58 3.09
CA ASP A 82 3.14 9.96 3.41
C ASP A 82 2.76 10.35 4.82
N HIS A 83 3.63 11.08 5.51
CA HIS A 83 3.32 11.59 6.84
C HIS A 83 2.48 12.88 6.70
N PRO A 84 1.50 13.10 7.59
CA PRO A 84 0.60 14.24 7.44
C PRO A 84 1.14 15.63 7.77
N ASN A 85 2.31 15.73 8.41
CA ASN A 85 2.88 17.03 8.74
C ASN A 85 3.52 17.69 7.50
N PRO A 86 3.42 19.03 7.37
CA PRO A 86 3.92 19.71 6.16
C PRO A 86 5.34 19.39 5.68
N LYS A 87 6.30 19.12 6.59
CA LYS A 87 7.67 18.78 6.14
C LYS A 87 7.79 17.32 5.61
N GLY A 88 6.78 16.48 5.89
CA GLY A 88 6.75 15.10 5.44
C GLY A 88 7.66 14.16 6.19
N PHE A 89 8.19 14.59 7.35
CA PHE A 89 9.07 13.74 8.14
C PHE A 89 8.41 13.28 9.44
N CYS A 90 8.87 12.15 9.98
CA CYS A 90 8.28 11.58 11.17
C CYS A 90 8.88 12.13 12.46
N ASP A 91 8.05 12.22 13.50
CA ASP A 91 8.46 12.64 14.85
C ASP A 91 8.61 11.43 15.80
N LEU A 92 8.15 10.24 15.39
CA LEU A 92 8.25 9.05 16.22
C LEU A 92 9.43 8.20 15.78
N LYS A 93 9.67 8.09 14.45
CA LYS A 93 10.79 7.32 13.94
C LYS A 93 12.11 7.93 14.43
N GLY A 94 12.96 7.12 15.02
CA GLY A 94 14.21 7.60 15.60
C GLY A 94 14.17 7.80 17.11
N LYS A 95 12.97 7.68 17.71
CA LYS A 95 12.74 7.85 19.15
C LYS A 95 12.09 6.61 19.76
N TYR A 96 11.89 6.62 21.09
CA TYR A 96 11.15 5.61 21.83
C TYR A 96 9.88 6.28 22.31
N VAL A 97 8.77 5.55 22.29
CA VAL A 97 7.48 6.05 22.74
C VAL A 97 7.04 5.27 23.96
N GLN A 98 6.65 5.99 25.01
CA GLN A 98 6.14 5.40 26.22
C GLN A 98 4.62 5.42 26.08
N ILE A 99 3.99 4.26 26.19
CA ILE A 99 2.55 4.10 26.06
C ILE A 99 2.03 3.59 27.41
N PRO A 100 0.91 4.13 27.94
CA PRO A 100 0.36 3.58 29.19
C PRO A 100 0.05 2.08 29.08
N THR A 101 0.33 1.29 30.11
CA THR A 101 0.11 -0.16 30.12
C THR A 101 -1.33 -0.57 29.74
N THR A 102 -2.31 0.26 30.13
CA THR A 102 -3.71 -0.02 29.81
C THR A 102 -3.98 0.14 28.29
N CYS A 103 -3.20 0.98 27.58
CA CYS A 103 -3.35 1.18 26.14
C CYS A 103 -2.30 0.45 25.29
N ALA A 104 -1.41 -0.34 25.92
CA ALA A 104 -0.31 -1.04 25.27
C ALA A 104 -0.71 -2.08 24.24
N ASN A 105 -2.00 -2.48 24.23
CA ASN A 105 -2.53 -3.42 23.24
C ASN A 105 -2.62 -2.77 21.84
N ASP A 106 -2.78 -1.44 21.78
CA ASP A 106 -2.86 -0.74 20.50
C ASP A 106 -1.96 0.51 20.52
N PRO A 107 -0.62 0.34 20.48
CA PRO A 107 0.27 1.51 20.47
C PRO A 107 0.09 2.44 19.27
N VAL A 108 -0.20 1.90 18.08
CA VAL A 108 -0.39 2.72 16.86
C VAL A 108 -1.62 3.61 17.00
N GLY A 109 -2.69 3.06 17.56
CA GLY A 109 -3.92 3.80 17.78
C GLY A 109 -3.76 4.82 18.89
N PHE A 110 -2.99 4.49 19.93
CA PHE A 110 -2.73 5.42 21.02
C PHE A 110 -2.03 6.70 20.51
N THR A 111 -0.95 6.55 19.74
CA THR A 111 -0.22 7.70 19.23
C THR A 111 -1.01 8.52 18.22
N LEU A 112 -1.91 7.85 17.46
CA LEU A 112 -2.75 8.52 16.47
C LEU A 112 -3.75 9.47 17.11
N LYS A 113 -4.29 9.07 18.27
CA LYS A 113 -5.35 9.78 18.98
C LYS A 113 -4.89 10.79 20.04
N ASN A 114 -3.72 10.57 20.65
CA ASN A 114 -3.27 11.39 21.76
C ASN A 114 -2.21 12.42 21.42
N THR A 115 -2.02 13.42 22.31
CA THR A 115 -1.04 14.47 22.10
C THR A 115 -0.12 14.60 23.30
N VAL A 116 1.10 15.04 23.06
CA VAL A 116 2.08 15.23 24.10
C VAL A 116 2.02 16.68 24.59
N CYS A 117 1.99 16.90 25.91
CA CYS A 117 2.00 18.25 26.47
C CYS A 117 3.35 18.90 26.15
N THR A 118 3.31 20.06 25.51
CA THR A 118 4.53 20.81 25.16
C THR A 118 5.27 21.36 26.42
N VAL A 119 4.58 21.41 27.57
CA VAL A 119 5.19 21.92 28.79
C VAL A 119 5.91 20.81 29.59
N CYS A 120 5.19 19.76 30.01
CA CYS A 120 5.81 18.72 30.83
C CYS A 120 6.32 17.50 30.04
N GLY A 121 5.98 17.38 28.77
CA GLY A 121 6.42 16.25 27.95
C GLY A 121 5.69 14.94 28.22
N MET A 122 4.63 14.96 29.03
CA MET A 122 3.85 13.76 29.29
C MET A 122 2.60 13.75 28.39
N TRP A 123 1.98 12.58 28.20
CA TRP A 123 0.78 12.48 27.38
C TRP A 123 -0.40 13.17 28.09
N LYS A 124 -1.27 13.88 27.34
CA LYS A 124 -2.44 14.54 27.93
C LYS A 124 -3.45 13.48 28.36
N GLY A 125 -3.87 13.54 29.61
CA GLY A 125 -4.79 12.55 30.16
C GLY A 125 -4.10 11.33 30.73
N TYR A 126 -2.80 11.15 30.43
CA TYR A 126 -2.05 9.99 30.88
C TYR A 126 -0.68 10.43 31.43
N GLY A 127 -0.71 11.26 32.47
CA GLY A 127 0.51 11.72 33.10
C GLY A 127 0.74 13.22 33.12
N CYS A 128 0.01 13.98 32.29
CA CYS A 128 0.19 15.43 32.28
C CYS A 128 -0.44 16.05 33.53
N SER A 129 0.40 16.62 34.41
CA SER A 129 -0.09 17.25 35.64
C SER A 129 -0.60 18.69 35.43
N CYS A 130 -0.28 19.31 34.29
CA CYS A 130 -0.69 20.68 33.98
C CYS A 130 -2.21 20.82 33.74
N ASP A 131 -2.70 22.09 33.67
CA ASP A 131 -4.12 22.38 33.43
C ASP A 131 -4.35 22.83 31.99
N ASN B 4 5.35 -17.54 11.36
CA ASN B 4 4.66 -17.31 10.11
C ASN B 4 4.77 -15.82 9.70
N VAL B 5 5.17 -15.59 8.45
CA VAL B 5 5.38 -14.24 7.93
C VAL B 5 4.67 -14.06 6.57
N THR B 6 4.54 -12.81 6.11
CA THR B 6 3.99 -12.52 4.80
C THR B 6 5.08 -11.83 3.94
N GLY B 7 4.85 -11.78 2.64
CA GLY B 7 5.71 -11.06 1.71
C GLY B 7 5.35 -9.59 1.61
N LEU B 8 4.19 -9.17 2.19
CA LEU B 8 3.77 -7.78 2.16
C LEU B 8 4.75 -6.94 3.01
N PHE B 9 5.27 -5.88 2.41
CA PHE B 9 6.23 -4.97 3.03
C PHE B 9 7.59 -5.63 3.29
N LYS B 10 7.94 -6.66 2.50
CA LYS B 10 9.22 -7.34 2.64
C LYS B 10 10.36 -6.38 2.34
N ASP B 11 11.39 -6.38 3.19
CA ASP B 11 12.55 -5.52 3.01
C ASP B 11 13.42 -6.14 1.92
N CYS B 12 13.66 -5.40 0.86
CA CYS B 12 14.41 -5.88 -0.29
C CYS B 12 15.81 -5.31 -0.42
N SER B 13 16.35 -4.68 0.63
CA SER B 13 17.72 -4.16 0.56
C SER B 13 18.77 -5.30 0.63
N LYS B 14 20.00 -4.98 0.25
CA LYS B 14 21.12 -5.92 0.30
C LYS B 14 21.91 -5.85 1.65
N VAL B 15 21.59 -4.85 2.52
CA VAL B 15 22.19 -4.68 3.84
C VAL B 15 22.02 -5.96 4.67
N ILE B 16 23.14 -6.49 5.19
CA ILE B 16 23.13 -7.75 5.92
C ILE B 16 22.60 -7.59 7.38
N THR B 17 22.56 -6.36 7.91
CA THR B 17 22.02 -6.12 9.26
C THR B 17 20.52 -5.67 9.24
N GLY B 18 19.86 -5.72 10.39
CA GLY B 18 18.50 -5.23 10.55
C GLY B 18 18.47 -3.78 10.98
N LEU B 19 17.34 -3.32 11.51
CA LEU B 19 17.22 -1.92 11.91
C LEU B 19 17.36 -1.69 13.40
N HIS B 20 17.72 -0.46 13.77
CA HIS B 20 17.80 -0.07 15.17
C HIS B 20 16.35 -0.10 15.75
N PRO B 21 16.12 -0.51 17.01
CA PRO B 21 14.73 -0.58 17.53
C PRO B 21 13.86 0.66 17.32
N THR B 22 14.45 1.86 17.26
CA THR B 22 13.70 3.10 17.05
C THR B 22 13.32 3.37 15.59
N GLN B 23 13.98 2.69 14.65
CA GLN B 23 13.75 2.93 13.23
C GLN B 23 13.07 1.76 12.52
N ALA B 24 13.06 0.58 13.14
CA ALA B 24 12.44 -0.62 12.61
C ALA B 24 10.91 -0.48 12.64
N PRO B 25 10.23 -0.70 11.50
CA PRO B 25 8.76 -0.62 11.52
C PRO B 25 8.14 -1.74 12.35
N THR B 26 8.83 -2.88 12.50
CA THR B 26 8.31 -4.04 13.19
C THR B 26 9.40 -4.72 14.03
N HIS B 27 8.99 -5.60 14.95
CA HIS B 27 9.86 -6.41 15.77
C HIS B 27 10.72 -7.31 14.89
N LEU B 28 10.13 -7.89 13.83
CA LEU B 28 10.84 -8.76 12.90
C LEU B 28 12.04 -8.06 12.28
N SER B 29 11.88 -6.78 11.90
CA SER B 29 12.95 -6.05 11.22
C SER B 29 14.05 -5.52 12.13
N VAL B 30 13.89 -5.61 13.46
CA VAL B 30 14.91 -5.16 14.39
C VAL B 30 16.15 -6.05 14.23
N ASP B 31 17.34 -5.47 14.20
CA ASP B 31 18.59 -6.22 14.12
C ASP B 31 18.71 -7.25 15.30
N THR B 32 19.26 -8.44 15.01
CA THR B 32 19.38 -9.55 15.95
C THR B 32 20.13 -9.22 17.26
N LYS B 33 21.10 -8.27 17.23
CA LYS B 33 21.89 -7.83 18.40
C LYS B 33 21.02 -7.28 19.53
N PHE B 34 19.90 -6.68 19.16
CA PHE B 34 18.99 -6.07 20.11
C PHE B 34 17.93 -7.01 20.64
N LYS B 35 17.82 -8.23 20.09
CA LYS B 35 16.77 -9.16 20.50
C LYS B 35 17.12 -10.06 21.66
N THR B 36 16.23 -10.14 22.67
CA THR B 36 16.38 -10.99 23.85
C THR B 36 15.02 -11.29 24.49
N GLU B 37 14.74 -12.57 24.79
CA GLU B 37 13.51 -13.02 25.46
C GLU B 37 12.18 -12.54 24.84
N GLY B 38 12.10 -12.58 23.51
CA GLY B 38 10.90 -12.15 22.79
C GLY B 38 10.73 -10.64 22.67
N LEU B 39 11.61 -9.85 23.32
CA LEU B 39 11.57 -8.40 23.29
C LEU B 39 12.86 -7.80 22.67
N CYS B 40 13.03 -6.47 22.74
CA CYS B 40 14.22 -5.78 22.24
C CYS B 40 14.82 -4.93 23.36
N VAL B 41 16.13 -4.68 23.30
CA VAL B 41 16.80 -3.84 24.29
C VAL B 41 17.44 -2.66 23.60
N ASP B 42 17.52 -1.56 24.32
CA ASP B 42 18.23 -0.40 23.83
C ASP B 42 19.67 -0.61 24.24
N ILE B 43 20.60 -0.40 23.30
CA ILE B 43 22.01 -0.55 23.60
C ILE B 43 22.70 0.80 23.39
N PRO B 44 22.90 1.56 24.49
CA PRO B 44 23.60 2.86 24.36
C PRO B 44 25.03 2.62 23.85
N GLY B 45 25.38 3.28 22.75
CA GLY B 45 26.66 3.04 22.10
C GLY B 45 26.50 2.37 20.74
N ILE B 46 25.33 1.74 20.46
CA ILE B 46 25.03 1.20 19.14
C ILE B 46 23.97 2.16 18.59
N PRO B 47 24.39 3.16 17.79
CA PRO B 47 23.47 4.20 17.36
C PRO B 47 22.59 3.90 16.13
N LYS B 48 21.62 4.79 15.88
CA LYS B 48 20.74 4.69 14.72
C LYS B 48 21.54 4.93 13.43
N ASP B 49 21.01 4.51 12.28
CA ASP B 49 21.64 4.72 10.99
C ASP B 49 20.91 5.89 10.34
N MET B 50 21.63 6.96 9.93
CA MET B 50 20.96 8.11 9.34
C MET B 50 21.11 8.23 7.84
N THR B 51 21.58 7.18 7.15
CA THR B 51 21.73 7.26 5.69
C THR B 51 21.00 6.17 4.90
N TYR B 52 20.41 5.15 5.57
CA TYR B 52 19.84 3.99 4.88
C TYR B 52 18.71 4.31 3.88
N ARG B 53 18.59 3.42 2.88
CA ARG B 53 17.57 3.43 1.84
C ARG B 53 17.21 1.99 1.65
N ARG B 54 16.02 1.59 2.15
CA ARG B 54 15.58 0.21 2.08
C ARG B 54 14.30 0.06 1.26
N LEU B 55 14.40 -0.60 0.11
CA LEU B 55 13.24 -0.82 -0.74
C LEU B 55 12.24 -1.77 -0.08
N ILE B 56 10.98 -1.33 0.06
CA ILE B 56 9.90 -2.09 0.68
C ILE B 56 8.94 -2.62 -0.40
N SER B 57 8.72 -3.93 -0.40
CA SER B 57 7.88 -4.61 -1.36
C SER B 57 6.37 -4.35 -1.20
N MET B 58 5.70 -4.00 -2.33
CA MET B 58 4.25 -3.79 -2.35
C MET B 58 3.48 -5.02 -2.92
N MET B 59 4.11 -6.19 -2.89
CA MET B 59 3.50 -7.44 -3.34
C MET B 59 2.92 -8.13 -2.14
N GLY B 60 1.63 -8.46 -2.17
CA GLY B 60 1.00 -9.19 -1.08
C GLY B 60 -0.20 -8.52 -0.43
N PHE B 61 -0.75 -7.44 -1.02
CA PHE B 61 -1.92 -6.78 -0.44
C PHE B 61 -3.12 -7.71 -0.35
N LYS B 62 -3.94 -7.55 0.68
CA LYS B 62 -5.14 -8.35 0.91
C LYS B 62 -6.31 -7.42 1.17
N MET B 63 -7.17 -7.21 0.17
CA MET B 63 -8.29 -6.28 0.31
C MET B 63 -9.58 -6.91 0.86
N ASN B 64 -9.50 -7.67 1.96
CA ASN B 64 -10.68 -8.33 2.55
C ASN B 64 -11.21 -7.63 3.81
N TYR B 65 -11.06 -6.31 3.87
CA TYR B 65 -11.54 -5.51 4.98
C TYR B 65 -13.08 -5.44 4.96
N GLN B 66 -13.69 -5.28 6.12
CA GLN B 66 -15.13 -5.15 6.25
C GLN B 66 -15.38 -3.99 7.18
N VAL B 67 -15.40 -2.79 6.60
CA VAL B 67 -15.57 -1.57 7.38
C VAL B 67 -16.79 -0.81 6.90
N ASN B 68 -17.72 -0.53 7.83
CA ASN B 68 -18.96 0.18 7.58
C ASN B 68 -18.74 1.49 6.82
N GLY B 69 -19.42 1.64 5.69
CA GLY B 69 -19.28 2.83 4.88
C GLY B 69 -18.17 2.78 3.85
N TYR B 70 -17.37 1.72 3.86
CA TYR B 70 -16.29 1.57 2.89
C TYR B 70 -16.70 0.45 1.95
N PRO B 71 -16.92 0.77 0.67
CA PRO B 71 -17.32 -0.29 -0.27
C PRO B 71 -16.17 -1.29 -0.49
N ASN B 72 -16.53 -2.51 -0.85
CA ASN B 72 -15.53 -3.54 -1.13
C ASN B 72 -14.96 -3.36 -2.55
N MET B 73 -13.64 -3.52 -2.73
CA MET B 73 -13.03 -3.39 -4.04
C MET B 73 -13.38 -4.63 -4.89
N PHE B 74 -13.16 -5.82 -4.34
CA PHE B 74 -13.45 -7.06 -5.05
C PHE B 74 -14.93 -7.38 -4.91
N ILE B 75 -15.62 -7.52 -6.05
CA ILE B 75 -17.05 -7.78 -6.08
C ILE B 75 -17.38 -9.20 -6.54
N THR B 76 -18.63 -9.63 -6.36
CA THR B 76 -19.06 -10.94 -6.81
C THR B 76 -19.25 -10.93 -8.35
N ARG B 77 -19.30 -12.13 -8.94
N ARG B 77 -19.30 -12.11 -8.95
CA ARG B 77 -19.52 -12.33 -10.38
CA ARG B 77 -19.51 -12.30 -10.38
C ARG B 77 -20.88 -11.77 -10.80
C ARG B 77 -20.89 -11.77 -10.79
N GLU B 78 -21.90 -11.97 -9.96
CA GLU B 78 -23.26 -11.51 -10.23
C GLU B 78 -23.34 -9.99 -10.20
N GLU B 79 -22.58 -9.33 -9.32
CA GLU B 79 -22.52 -7.87 -9.26
C GLU B 79 -21.74 -7.32 -10.43
N ALA B 80 -20.64 -8.00 -10.82
CA ALA B 80 -19.87 -7.58 -11.98
C ALA B 80 -20.72 -7.71 -13.25
N ILE B 81 -21.59 -8.76 -13.35
CA ILE B 81 -22.45 -8.94 -14.51
C ILE B 81 -23.39 -7.73 -14.67
N ARG B 82 -23.97 -7.24 -13.56
CA ARG B 82 -24.84 -6.09 -13.51
C ARG B 82 -24.14 -4.83 -14.04
N HIS B 83 -22.82 -4.72 -13.82
CA HIS B 83 -22.02 -3.57 -14.25
C HIS B 83 -21.07 -3.91 -15.41
N VAL B 84 -21.52 -4.73 -16.38
CA VAL B 84 -20.70 -5.13 -17.51
C VAL B 84 -20.25 -3.91 -18.39
N ARG B 85 -21.01 -2.80 -18.33
CA ARG B 85 -20.64 -1.59 -19.07
C ARG B 85 -19.39 -0.92 -18.49
N ALA B 86 -19.11 -1.15 -17.20
CA ALA B 86 -17.96 -0.58 -16.50
C ALA B 86 -16.67 -1.43 -16.65
N TRP B 87 -16.76 -2.60 -17.30
CA TRP B 87 -15.64 -3.53 -17.42
C TRP B 87 -14.47 -3.00 -18.22
N ILE B 88 -13.31 -2.97 -17.57
CA ILE B 88 -12.06 -2.62 -18.21
C ILE B 88 -11.02 -3.70 -17.86
N GLY B 89 -10.55 -4.44 -18.85
CA GLY B 89 -9.51 -5.43 -18.66
C GLY B 89 -8.22 -4.73 -18.26
N PHE B 90 -7.44 -5.33 -17.33
CA PHE B 90 -6.24 -4.67 -16.85
C PHE B 90 -5.13 -5.69 -16.59
N ASP B 91 -3.93 -5.43 -17.11
CA ASP B 91 -2.77 -6.29 -16.94
C ASP B 91 -1.51 -5.44 -16.85
N VAL B 92 -0.56 -5.87 -16.02
CA VAL B 92 0.69 -5.16 -15.88
C VAL B 92 1.88 -6.08 -16.12
N GLU B 93 2.82 -5.63 -16.96
CA GLU B 93 4.08 -6.31 -17.19
C GLU B 93 5.08 -5.56 -16.33
N GLY B 94 5.71 -6.28 -15.41
CA GLY B 94 6.66 -5.65 -14.50
C GLY B 94 8.12 -5.89 -14.78
N CYS B 95 8.96 -5.17 -14.07
CA CYS B 95 10.41 -5.35 -14.10
C CYS B 95 10.85 -5.74 -12.67
N HIS B 96 12.05 -6.31 -12.53
CA HIS B 96 12.57 -6.76 -11.24
C HIS B 96 13.48 -5.72 -10.61
N ALA B 97 13.45 -5.61 -9.27
CA ALA B 97 14.36 -4.71 -8.56
C ALA B 97 15.79 -5.25 -8.70
N THR B 98 16.74 -4.34 -8.94
CA THR B 98 18.13 -4.75 -9.13
C THR B 98 19.13 -3.77 -8.45
N ARG B 99 20.42 -4.17 -8.38
CA ARG B 99 21.55 -3.40 -7.85
C ARG B 99 21.45 -3.10 -6.33
N GLU B 100 20.83 -1.99 -5.91
CA GLU B 100 20.70 -1.67 -4.49
C GLU B 100 19.59 -2.49 -3.77
N ALA B 101 18.81 -3.27 -4.52
CA ALA B 101 17.71 -4.04 -3.95
C ALA B 101 17.38 -5.25 -4.81
N VAL B 102 16.79 -6.28 -4.21
CA VAL B 102 16.39 -7.49 -4.92
C VAL B 102 15.25 -8.19 -4.17
N GLY B 103 14.26 -8.69 -4.90
CA GLY B 103 13.15 -9.41 -4.29
C GLY B 103 11.76 -8.88 -4.54
N THR B 104 11.60 -7.87 -5.40
CA THR B 104 10.27 -7.31 -5.69
C THR B 104 10.14 -6.85 -7.14
N ASN B 105 8.89 -6.81 -7.63
CA ASN B 105 8.56 -6.38 -8.97
C ASN B 105 7.90 -5.02 -8.95
N LEU B 106 8.25 -4.21 -9.94
CA LEU B 106 7.77 -2.84 -10.07
C LEU B 106 7.02 -2.71 -11.38
N PRO B 107 5.93 -1.93 -11.44
CA PRO B 107 5.17 -1.82 -12.71
C PRO B 107 5.97 -1.13 -13.81
N LEU B 108 5.92 -1.71 -15.01
CA LEU B 108 6.64 -1.15 -16.16
C LEU B 108 5.63 -0.78 -17.25
N GLN B 109 4.87 -1.75 -17.78
CA GLN B 109 3.88 -1.48 -18.80
C GLN B 109 2.47 -1.86 -18.33
N LEU B 110 1.60 -0.85 -18.27
CA LEU B 110 0.24 -1.00 -17.85
C LEU B 110 -0.68 -1.08 -19.07
N GLY B 111 -1.37 -2.20 -19.21
CA GLY B 111 -2.25 -2.45 -20.33
C GLY B 111 -3.71 -2.50 -19.97
N PHE B 112 -4.56 -1.98 -20.86
CA PHE B 112 -6.01 -1.89 -20.69
C PHE B 112 -6.76 -2.44 -21.92
N SER B 113 -8.00 -2.98 -21.73
CA SER B 113 -8.75 -3.51 -22.86
C SER B 113 -9.14 -2.43 -23.90
N THR B 114 -8.96 -1.14 -23.56
CA THR B 114 -9.13 0.00 -24.47
C THR B 114 -8.03 0.03 -25.57
N GLY B 115 -7.00 -0.81 -25.43
CA GLY B 115 -5.86 -0.85 -26.35
C GLY B 115 -4.71 0.04 -25.90
N VAL B 116 -4.84 0.72 -24.76
CA VAL B 116 -3.81 1.59 -24.24
C VAL B 116 -2.72 0.83 -23.47
N ASN B 117 -1.46 1.24 -23.70
CA ASN B 117 -0.27 0.74 -23.04
C ASN B 117 0.48 1.98 -22.52
N LEU B 118 0.75 2.02 -21.22
CA LEU B 118 1.46 3.14 -20.62
C LEU B 118 2.74 2.60 -20.00
N VAL B 119 3.87 3.24 -20.31
CA VAL B 119 5.16 2.82 -19.77
C VAL B 119 5.54 3.74 -18.63
N ALA B 120 5.81 3.18 -17.46
CA ALA B 120 6.19 3.94 -16.30
C ALA B 120 7.66 3.76 -15.98
N VAL B 121 8.24 4.79 -15.36
CA VAL B 121 9.62 4.73 -14.84
C VAL B 121 9.58 3.70 -13.68
N PRO B 122 10.53 2.75 -13.60
CA PRO B 122 10.53 1.80 -12.46
C PRO B 122 10.66 2.55 -11.14
N THR B 123 9.56 2.62 -10.37
CA THR B 123 9.57 3.35 -9.09
CA THR B 123 9.51 3.39 -9.12
C THR B 123 9.10 2.47 -7.95
N GLY B 124 9.70 2.68 -6.79
CA GLY B 124 9.39 1.88 -5.62
C GLY B 124 9.28 2.69 -4.34
N TYR B 125 8.93 2.01 -3.24
CA TYR B 125 8.74 2.64 -1.94
C TYR B 125 9.94 2.36 -1.08
N VAL B 126 10.81 3.35 -0.95
CA VAL B 126 12.06 3.23 -0.25
C VAL B 126 12.02 3.87 1.13
N ASP B 127 12.13 3.06 2.17
CA ASP B 127 12.17 3.56 3.54
C ASP B 127 13.53 4.22 3.82
N THR B 128 13.48 5.33 4.57
CA THR B 128 14.65 6.13 4.97
C THR B 128 14.52 6.44 6.49
N PRO B 129 15.56 7.04 7.14
CA PRO B 129 15.45 7.36 8.57
C PRO B 129 14.34 8.36 8.93
N ASN B 130 13.68 8.97 7.94
CA ASN B 130 12.69 10.01 8.20
C ASN B 130 11.31 9.73 7.65
N ASN B 131 11.22 8.91 6.61
CA ASN B 131 9.95 8.68 5.94
C ASN B 131 10.09 7.58 4.86
N THR B 132 9.08 7.45 3.97
CA THR B 132 9.16 6.56 2.82
C THR B 132 9.21 7.46 1.60
N ASP B 133 10.25 7.28 0.79
CA ASP B 133 10.50 8.03 -0.43
C ASP B 133 9.99 7.25 -1.63
N PHE B 134 8.98 7.80 -2.34
CA PHE B 134 8.44 7.19 -3.56
C PHE B 134 9.36 7.69 -4.63
N SER B 135 10.25 6.84 -5.14
CA SER B 135 11.25 7.28 -6.09
C SER B 135 11.70 6.21 -7.06
N ARG B 136 12.34 6.63 -8.17
CA ARG B 136 12.88 5.72 -9.18
C ARG B 136 13.89 4.78 -8.55
N VAL B 137 13.86 3.51 -8.92
CA VAL B 137 14.79 2.52 -8.39
C VAL B 137 15.43 1.75 -9.56
N SER B 138 16.59 1.13 -9.33
CA SER B 138 17.26 0.36 -10.39
C SER B 138 16.44 -0.88 -10.65
N ALA B 139 16.18 -1.14 -11.92
CA ALA B 139 15.38 -2.29 -12.30
C ALA B 139 15.83 -2.90 -13.60
N LYS B 140 15.56 -4.19 -13.78
CA LYS B 140 15.89 -4.92 -14.99
C LYS B 140 14.65 -5.64 -15.52
N PRO B 141 14.45 -5.75 -16.85
CA PRO B 141 13.32 -6.55 -17.37
C PRO B 141 13.48 -8.02 -16.95
N PRO B 142 12.38 -8.78 -16.80
CA PRO B 142 12.50 -10.17 -16.33
C PRO B 142 13.45 -11.02 -17.17
N PRO B 143 14.23 -11.89 -16.51
CA PRO B 143 15.17 -12.75 -17.26
C PRO B 143 14.44 -13.67 -18.23
N GLY B 144 14.75 -13.53 -19.51
CA GLY B 144 14.12 -14.35 -20.53
C GLY B 144 14.01 -13.70 -21.89
N ASP B 145 13.60 -14.49 -22.88
CA ASP B 145 13.43 -14.02 -24.25
C ASP B 145 11.96 -13.69 -24.58
N GLN B 146 11.01 -14.18 -23.79
CA GLN B 146 9.60 -13.78 -23.96
C GLN B 146 9.38 -12.32 -23.44
N PHE B 147 10.42 -11.70 -22.83
CA PHE B 147 10.40 -10.36 -22.27
C PHE B 147 11.47 -9.44 -22.88
N LYS B 148 11.97 -9.75 -24.11
CA LYS B 148 12.96 -8.86 -24.73
C LYS B 148 12.31 -7.57 -25.31
N HIS B 149 10.97 -7.53 -25.41
CA HIS B 149 10.24 -6.34 -25.84
C HIS B 149 10.23 -5.24 -24.76
N LEU B 150 10.55 -5.59 -23.50
CA LEU B 150 10.60 -4.68 -22.35
C LEU B 150 11.93 -3.96 -22.21
N ILE B 151 13.02 -4.51 -22.80
CA ILE B 151 14.34 -3.86 -22.76
C ILE B 151 14.31 -2.41 -23.25
N PRO B 152 13.71 -2.08 -24.43
CA PRO B 152 13.66 -0.67 -24.84
C PRO B 152 12.76 0.18 -23.94
N LEU B 153 11.72 -0.42 -23.36
CA LEU B 153 10.77 0.26 -22.47
C LEU B 153 11.40 0.74 -21.16
N MET B 154 12.55 0.18 -20.76
CA MET B 154 13.24 0.62 -19.54
C MET B 154 13.67 2.10 -19.58
N TYR B 155 13.77 2.68 -20.79
CA TYR B 155 14.19 4.06 -21.02
C TYR B 155 13.07 4.95 -21.61
N LYS B 156 11.92 4.36 -21.98
CA LYS B 156 10.79 5.11 -22.54
C LYS B 156 9.64 5.36 -21.53
N GLY B 157 9.92 5.23 -20.25
CA GLY B 157 8.91 5.41 -19.21
C GLY B 157 8.65 6.83 -18.78
N LEU B 158 7.45 7.07 -18.26
CA LEU B 158 7.01 8.35 -17.75
C LEU B 158 6.96 8.33 -16.23
N PRO B 159 7.19 9.47 -15.56
CA PRO B 159 7.11 9.47 -14.09
C PRO B 159 5.68 9.17 -13.63
N TRP B 160 5.51 8.50 -12.47
CA TRP B 160 4.19 8.11 -12.00
C TRP B 160 3.17 9.25 -11.86
N ASN B 161 3.61 10.49 -11.61
CA ASN B 161 2.68 11.62 -11.54
C ASN B 161 2.01 11.87 -12.91
N VAL B 162 2.71 11.54 -14.01
CA VAL B 162 2.18 11.68 -15.37
C VAL B 162 1.32 10.45 -15.70
N VAL B 163 1.85 9.24 -15.46
CA VAL B 163 1.15 7.99 -15.73
C VAL B 163 -0.25 7.93 -15.11
N ARG B 164 -0.38 8.21 -13.80
CA ARG B 164 -1.70 8.16 -13.14
C ARG B 164 -2.67 9.22 -13.66
N ILE B 165 -2.18 10.35 -14.19
CA ILE B 165 -3.02 11.38 -14.79
C ILE B 165 -3.60 10.84 -16.12
N LYS B 166 -2.78 10.12 -16.89
CA LYS B 166 -3.20 9.50 -18.15
C LYS B 166 -4.20 8.35 -17.95
N ILE B 167 -4.12 7.64 -16.80
CA ILE B 167 -5.05 6.54 -16.51
C ILE B 167 -6.41 7.10 -16.23
N VAL B 168 -6.47 8.13 -15.37
CA VAL B 168 -7.72 8.82 -15.02
C VAL B 168 -8.34 9.44 -16.27
N GLN B 169 -7.53 10.01 -17.16
CA GLN B 169 -8.03 10.63 -18.38
C GLN B 169 -8.59 9.56 -19.33
N MET B 170 -7.88 8.44 -19.49
CA MET B 170 -8.33 7.34 -20.33
C MET B 170 -9.64 6.71 -19.81
N LEU B 171 -9.73 6.43 -18.50
CA LEU B 171 -10.93 5.82 -17.92
C LEU B 171 -12.12 6.75 -18.01
N SER B 172 -11.91 8.05 -17.80
CA SER B 172 -12.96 9.05 -17.90
C SER B 172 -13.51 9.12 -19.33
N ASP B 173 -12.63 9.21 -20.33
CA ASP B 173 -13.07 9.27 -21.72
C ASP B 173 -13.80 8.00 -22.14
N THR B 174 -13.41 6.84 -21.59
CA THR B 174 -14.04 5.57 -21.94
C THR B 174 -15.37 5.36 -21.22
N LEU B 175 -15.44 5.72 -19.94
CA LEU B 175 -16.60 5.38 -19.11
C LEU B 175 -17.61 6.46 -18.78
N LYS B 176 -17.39 7.73 -19.15
CA LYS B 176 -18.35 8.78 -18.80
C LYS B 176 -19.77 8.51 -19.32
N ASN B 177 -19.92 7.98 -20.53
CA ASN B 177 -21.24 7.68 -21.08
C ASN B 177 -21.74 6.25 -20.85
N LEU B 178 -20.91 5.38 -20.25
CA LEU B 178 -21.27 3.96 -20.05
C LEU B 178 -21.65 3.57 -18.63
N SER B 179 -20.99 4.15 -17.62
CA SER B 179 -21.21 3.74 -16.24
C SER B 179 -20.82 4.79 -15.21
N ASP B 180 -21.34 4.63 -13.99
CA ASP B 180 -20.95 5.46 -12.84
C ASP B 180 -19.74 4.86 -12.08
N ARG B 181 -19.10 3.80 -12.62
CA ARG B 181 -18.05 3.01 -11.99
C ARG B 181 -17.00 2.54 -12.97
N VAL B 182 -15.99 1.84 -12.46
CA VAL B 182 -15.05 1.06 -13.21
C VAL B 182 -14.97 -0.33 -12.53
N VAL B 183 -14.96 -1.39 -13.32
CA VAL B 183 -14.74 -2.72 -12.81
C VAL B 183 -13.52 -3.21 -13.57
N PHE B 184 -12.37 -3.30 -12.91
CA PHE B 184 -11.16 -3.83 -13.56
C PHE B 184 -11.32 -5.36 -13.62
N VAL B 185 -11.16 -5.94 -14.80
CA VAL B 185 -11.32 -7.37 -15.01
C VAL B 185 -9.90 -7.92 -15.07
N LEU B 186 -9.56 -8.81 -14.12
CA LEU B 186 -8.19 -9.28 -13.97
C LEU B 186 -8.01 -10.79 -14.15
N TRP B 187 -6.77 -11.25 -14.38
CA TRP B 187 -6.39 -12.67 -14.42
C TRP B 187 -5.15 -12.78 -13.54
N ALA B 188 -5.26 -13.43 -12.35
CA ALA B 188 -4.22 -13.60 -11.30
C ALA B 188 -3.83 -12.20 -10.83
N HIS B 189 -4.71 -11.60 -10.04
CA HIS B 189 -4.73 -10.20 -9.64
C HIS B 189 -3.58 -9.64 -8.87
N GLY B 190 -2.74 -10.47 -8.28
CA GLY B 190 -1.65 -10.06 -7.40
C GLY B 190 -0.87 -8.82 -7.81
N PHE B 191 -0.20 -8.89 -8.97
CA PHE B 191 0.60 -7.78 -9.46
C PHE B 191 -0.22 -6.58 -9.92
N GLU B 192 -1.46 -6.82 -10.37
CA GLU B 192 -2.32 -5.72 -10.78
C GLU B 192 -2.74 -4.91 -9.58
N LEU B 193 -3.04 -5.59 -8.45
CA LEU B 193 -3.42 -4.95 -7.17
C LEU B 193 -2.21 -4.16 -6.61
N THR B 194 -1.00 -4.69 -6.76
CA THR B 194 0.23 -4.01 -6.37
C THR B 194 0.37 -2.72 -7.16
N SER B 195 0.14 -2.79 -8.47
CA SER B 195 0.21 -1.66 -9.39
C SER B 195 -0.85 -0.61 -9.06
N MET B 196 -2.05 -1.06 -8.61
CA MET B 196 -3.12 -0.16 -8.22
C MET B 196 -2.72 0.75 -7.05
N LYS B 197 -1.82 0.30 -6.17
CA LYS B 197 -1.32 1.12 -5.05
C LYS B 197 -0.72 2.46 -5.58
N TYR B 198 -0.20 2.45 -6.81
CA TYR B 198 0.39 3.58 -7.51
C TYR B 198 -0.65 4.60 -8.06
N PHE B 199 -1.90 4.22 -8.28
CA PHE B 199 -2.89 5.13 -8.88
C PHE B 199 -4.30 5.03 -8.33
N VAL B 200 -4.50 4.30 -7.24
CA VAL B 200 -5.85 4.13 -6.67
C VAL B 200 -5.89 4.59 -5.21
N LYS B 201 -6.99 5.25 -4.82
CA LYS B 201 -7.26 5.63 -3.44
C LYS B 201 -8.66 5.11 -3.06
N ILE B 202 -8.86 4.80 -1.79
CA ILE B 202 -10.16 4.30 -1.31
C ILE B 202 -10.64 5.09 -0.09
N GLY B 203 -11.93 5.01 0.19
CA GLY B 203 -12.55 5.63 1.33
C GLY B 203 -14.06 5.47 1.27
N PRO B 204 -14.79 6.27 2.05
CA PRO B 204 -16.26 6.22 1.96
C PRO B 204 -16.76 6.76 0.61
N GLU B 205 -17.99 6.39 0.22
CA GLU B 205 -18.57 6.84 -1.03
C GLU B 205 -18.77 8.35 -1.00
N ARG B 206 -18.35 9.04 -2.06
CA ARG B 206 -18.46 10.47 -2.16
C ARG B 206 -19.24 10.89 -3.43
N THR B 207 -19.55 12.19 -3.58
CA THR B 207 -20.19 12.72 -4.78
C THR B 207 -19.22 13.66 -5.53
N CYS B 208 -19.51 13.93 -6.80
CA CYS B 208 -18.68 14.84 -7.58
C CYS B 208 -18.78 16.26 -6.98
N CYS B 209 -17.70 17.04 -7.06
CA CYS B 209 -17.74 18.42 -6.56
C CYS B 209 -18.60 19.31 -7.49
N LEU B 210 -18.68 18.97 -8.79
CA LEU B 210 -19.42 19.73 -9.78
C LEU B 210 -20.83 19.20 -10.09
N CYS B 211 -21.19 18.00 -9.61
CA CYS B 211 -22.53 17.45 -9.88
C CYS B 211 -23.01 16.44 -8.80
N ASP B 212 -24.15 15.75 -9.02
CA ASP B 212 -24.69 14.78 -8.08
C ASP B 212 -24.24 13.33 -8.34
N ARG B 213 -23.44 13.08 -9.41
CA ARG B 213 -22.99 11.71 -9.71
C ARG B 213 -21.94 11.24 -8.71
N ARG B 214 -21.88 9.91 -8.45
CA ARG B 214 -20.88 9.38 -7.52
C ARG B 214 -19.44 9.68 -8.00
N ALA B 215 -18.55 9.93 -7.04
CA ALA B 215 -17.15 10.23 -7.35
C ALA B 215 -16.38 8.97 -7.73
N THR B 216 -15.70 9.04 -8.86
CA THR B 216 -14.86 7.98 -9.38
C THR B 216 -13.39 8.40 -9.46
N CYS B 217 -13.05 9.68 -9.17
CA CYS B 217 -11.70 10.24 -9.25
C CYS B 217 -11.37 11.10 -8.05
N PHE B 218 -10.08 11.25 -7.76
CA PHE B 218 -9.62 12.07 -6.64
C PHE B 218 -8.40 12.87 -7.05
N SER B 219 -8.28 14.10 -6.52
CA SER B 219 -7.16 14.99 -6.78
C SER B 219 -6.43 15.26 -5.47
N THR B 220 -5.13 14.97 -5.42
CA THR B 220 -4.33 15.22 -4.23
C THR B 220 -4.13 16.73 -4.10
N ALA B 221 -3.78 17.39 -5.22
CA ALA B 221 -3.52 18.82 -5.31
C ALA B 221 -4.60 19.69 -4.66
N SER B 222 -5.87 19.38 -4.94
CA SER B 222 -6.96 20.18 -4.40
C SER B 222 -7.81 19.50 -3.34
N ASP B 223 -7.52 18.22 -2.99
CA ASP B 223 -8.31 17.44 -2.03
C ASP B 223 -9.79 17.39 -2.46
N THR B 224 -10.03 17.14 -3.75
CA THR B 224 -11.39 17.13 -4.29
C THR B 224 -11.72 15.81 -5.01
N TYR B 225 -13.04 15.55 -5.20
CA TYR B 225 -13.58 14.35 -5.84
C TYR B 225 -14.36 14.69 -7.10
N ALA B 226 -14.32 13.82 -8.11
CA ALA B 226 -15.02 14.07 -9.36
C ALA B 226 -15.53 12.82 -10.04
N CYS B 227 -16.63 12.95 -10.78
CA CYS B 227 -17.20 11.84 -11.54
C CYS B 227 -16.36 11.67 -12.85
N TRP B 228 -16.71 10.72 -13.75
CA TRP B 228 -15.97 10.57 -15.01
C TRP B 228 -16.13 11.80 -15.93
N HIS B 229 -17.16 12.65 -15.71
CA HIS B 229 -17.39 13.82 -16.57
C HIS B 229 -16.58 15.06 -16.19
N HIS B 230 -16.17 15.19 -14.92
CA HIS B 230 -15.49 16.40 -14.42
C HIS B 230 -14.12 16.14 -13.80
N SER B 231 -13.46 15.05 -14.21
CA SER B 231 -12.18 14.63 -13.66
C SER B 231 -10.96 15.22 -14.34
N ILE B 232 -11.13 16.30 -15.13
CA ILE B 232 -9.99 16.92 -15.82
C ILE B 232 -8.90 17.37 -14.81
N GLY B 233 -7.67 16.86 -15.02
CA GLY B 233 -6.54 17.14 -14.14
C GLY B 233 -6.41 16.22 -12.92
N PHE B 234 -7.41 15.36 -12.66
CA PHE B 234 -7.37 14.45 -11.51
C PHE B 234 -6.29 13.39 -11.66
N ASP B 235 -5.65 13.02 -10.54
CA ASP B 235 -4.55 12.07 -10.59
C ASP B 235 -4.89 10.66 -10.09
N TYR B 236 -5.89 10.49 -9.21
CA TYR B 236 -6.20 9.17 -8.66
C TYR B 236 -7.55 8.57 -9.04
N VAL B 237 -7.59 7.24 -9.20
CA VAL B 237 -8.82 6.48 -9.42
C VAL B 237 -9.36 6.27 -8.02
N TYR B 238 -10.61 6.67 -7.77
CA TYR B 238 -11.18 6.60 -6.44
C TYR B 238 -12.29 5.55 -6.34
N ASN B 239 -12.20 4.72 -5.30
CA ASN B 239 -13.13 3.62 -5.06
C ASN B 239 -13.42 2.75 -6.31
N PRO B 240 -12.38 2.21 -7.00
CA PRO B 240 -12.66 1.31 -8.13
C PRO B 240 -13.14 -0.07 -7.66
N PHE B 241 -13.68 -0.85 -8.57
CA PHE B 241 -14.12 -2.21 -8.29
C PHE B 241 -13.32 -3.14 -9.16
N MET B 242 -13.28 -4.42 -8.81
CA MET B 242 -12.50 -5.39 -9.57
C MET B 242 -12.96 -6.81 -9.31
N ILE B 243 -12.49 -7.72 -10.15
CA ILE B 243 -12.81 -9.13 -10.07
C ILE B 243 -11.69 -9.93 -10.76
N ASP B 244 -11.34 -11.10 -10.22
CA ASP B 244 -10.30 -11.96 -10.77
C ASP B 244 -10.94 -13.17 -11.50
N VAL B 245 -11.00 -13.10 -12.82
CA VAL B 245 -11.55 -14.11 -13.70
C VAL B 245 -10.86 -15.47 -13.53
N GLN B 246 -9.56 -15.48 -13.17
CA GLN B 246 -8.80 -16.70 -12.94
C GLN B 246 -9.45 -17.58 -11.86
N GLN B 247 -10.06 -16.95 -10.86
CA GLN B 247 -10.70 -17.66 -9.76
C GLN B 247 -12.06 -18.23 -10.09
N TRP B 248 -12.48 -18.22 -11.36
CA TRP B 248 -13.78 -18.75 -11.74
C TRP B 248 -13.78 -20.25 -12.11
N GLY B 249 -12.74 -20.97 -11.71
CA GLY B 249 -12.66 -22.41 -11.95
C GLY B 249 -11.99 -22.84 -13.23
N PHE B 250 -11.24 -21.92 -13.88
CA PHE B 250 -10.52 -22.22 -15.11
C PHE B 250 -9.31 -23.07 -14.80
N THR B 251 -9.06 -24.12 -15.59
CA THR B 251 -7.97 -25.04 -15.29
C THR B 251 -6.60 -24.61 -15.88
N GLY B 252 -6.56 -23.93 -17.03
CA GLY B 252 -5.27 -23.55 -17.63
C GLY B 252 -4.86 -22.09 -17.54
N ASN B 253 -4.03 -21.63 -18.50
CA ASN B 253 -3.57 -20.23 -18.55
C ASN B 253 -4.59 -19.29 -19.27
N LEU B 254 -4.37 -17.97 -19.25
CA LEU B 254 -5.28 -17.01 -19.88
C LEU B 254 -5.52 -17.31 -21.36
N GLN B 255 -4.45 -17.32 -22.19
CA GLN B 255 -4.58 -17.53 -23.62
C GLN B 255 -5.32 -18.79 -23.98
N SER B 256 -4.99 -19.93 -23.37
CA SER B 256 -5.65 -21.19 -23.69
C SER B 256 -7.13 -21.20 -23.35
N ASN B 257 -7.56 -20.42 -22.35
CA ASN B 257 -8.99 -20.36 -22.00
C ASN B 257 -9.73 -19.35 -22.89
N HIS B 258 -9.07 -18.24 -23.22
CA HIS B 258 -9.62 -17.23 -24.11
C HIS B 258 -9.87 -17.83 -25.50
N ASP B 259 -8.89 -18.61 -26.00
CA ASP B 259 -8.94 -19.22 -27.33
C ASP B 259 -10.02 -20.28 -27.51
N LEU B 260 -10.59 -20.80 -26.42
CA LEU B 260 -11.68 -21.77 -26.51
C LEU B 260 -12.93 -21.12 -27.09
N TYR B 261 -13.16 -19.83 -26.82
CA TYR B 261 -14.35 -19.14 -27.33
C TYR B 261 -14.08 -18.09 -28.38
N CYS B 262 -12.84 -17.61 -28.49
CA CYS B 262 -12.53 -16.51 -29.36
C CYS B 262 -11.27 -16.70 -30.17
N GLN B 263 -11.39 -16.44 -31.48
CA GLN B 263 -10.27 -16.54 -32.41
C GLN B 263 -9.87 -15.21 -33.05
N VAL B 264 -10.43 -14.09 -32.59
CA VAL B 264 -10.13 -12.79 -33.21
C VAL B 264 -9.12 -11.95 -32.41
N HIS B 265 -8.57 -12.46 -31.30
CA HIS B 265 -7.58 -11.73 -30.51
C HIS B 265 -6.27 -12.53 -30.39
N GLY B 266 -5.46 -12.51 -31.45
CA GLY B 266 -4.18 -13.21 -31.44
C GLY B 266 -3.23 -12.62 -30.43
N ASN B 267 -2.44 -13.46 -29.74
CA ASN B 267 -1.53 -12.97 -28.70
C ASN B 267 -0.35 -12.20 -29.26
N ALA B 268 -0.35 -10.87 -29.05
CA ALA B 268 0.76 -10.01 -29.46
C ALA B 268 1.81 -9.83 -28.32
N HIS B 269 1.69 -10.59 -27.21
CA HIS B 269 2.59 -10.60 -26.06
C HIS B 269 2.86 -9.22 -25.48
N VAL B 270 1.80 -8.42 -25.31
CA VAL B 270 1.88 -7.07 -24.79
C VAL B 270 0.80 -6.91 -23.69
N ALA B 271 1.05 -6.05 -22.68
CA ALA B 271 0.14 -5.86 -21.55
C ALA B 271 -1.34 -5.66 -21.94
N SER B 272 -1.62 -4.77 -22.91
CA SER B 272 -2.98 -4.48 -23.38
C SER B 272 -3.63 -5.67 -24.04
N CYS B 273 -2.85 -6.55 -24.70
CA CYS B 273 -3.38 -7.76 -25.33
C CYS B 273 -3.93 -8.71 -24.27
N ASP B 274 -3.22 -8.88 -23.15
CA ASP B 274 -3.70 -9.73 -22.06
C ASP B 274 -4.98 -9.14 -21.44
N ALA B 275 -5.01 -7.82 -21.26
CA ALA B 275 -6.14 -7.09 -20.74
C ALA B 275 -7.37 -7.27 -21.64
N ILE B 276 -7.18 -7.24 -22.97
CA ILE B 276 -8.27 -7.45 -23.95
C ILE B 276 -8.80 -8.88 -23.84
N MET B 277 -7.89 -9.85 -23.76
CA MET B 277 -8.22 -11.27 -23.67
C MET B 277 -8.97 -11.58 -22.38
N THR B 278 -8.60 -10.91 -21.28
CA THR B 278 -9.23 -11.08 -19.97
C THR B 278 -10.69 -10.62 -20.01
N ARG B 279 -10.96 -9.42 -20.54
CA ARG B 279 -12.32 -8.91 -20.64
C ARG B 279 -13.14 -9.75 -21.61
N CYS B 280 -12.52 -10.19 -22.72
CA CYS B 280 -13.20 -11.04 -23.72
C CYS B 280 -13.61 -12.36 -23.08
N LEU B 281 -12.68 -13.03 -22.37
CA LEU B 281 -12.97 -14.29 -21.69
C LEU B 281 -14.11 -14.10 -20.67
N ALA B 282 -14.07 -13.02 -19.87
CA ALA B 282 -15.11 -12.73 -18.89
C ALA B 282 -16.51 -12.58 -19.53
N VAL B 283 -16.60 -11.91 -20.68
CA VAL B 283 -17.87 -11.71 -21.35
C VAL B 283 -18.40 -13.06 -21.84
N HIS B 284 -17.56 -13.83 -22.58
CA HIS B 284 -17.96 -15.15 -23.07
C HIS B 284 -18.39 -16.08 -21.94
N GLU B 285 -17.63 -16.12 -20.85
CA GLU B 285 -17.95 -17.00 -19.73
C GLU B 285 -19.26 -16.59 -19.03
N CYS B 286 -19.48 -15.28 -18.84
CA CYS B 286 -20.63 -14.76 -18.11
C CYS B 286 -21.94 -14.68 -18.86
N PHE B 287 -21.91 -14.48 -20.19
CA PHE B 287 -23.16 -14.25 -20.93
C PHE B 287 -23.57 -15.34 -21.92
N VAL B 288 -22.72 -16.35 -22.14
CA VAL B 288 -23.10 -17.44 -23.03
C VAL B 288 -23.69 -18.58 -22.19
#